data_2BC7
#
_entry.id   2BC7
#
_entity_poly.entity_id   1
_entity_poly.type   'polypeptide(L)'
_entity_poly.pdbx_seq_one_letter_code
;GUCSDPRUAWRC
;
_entity_poly.pdbx_strand_id   A
#
# COMPACT_ATOMS: atom_id res chain seq x y z
N GLY A 1 -3.14 6.91 -1.91
CA GLY A 1 -1.88 6.61 -1.25
C GLY A 1 -1.83 5.18 -0.76
N SEC A 2 -2.45 4.29 -1.51
CA SEC A 2 -2.48 2.87 -1.16
C SEC A 2 -1.08 2.27 -1.19
N CYS A 3 -0.33 2.62 -2.21
CA CYS A 3 1.04 2.13 -2.36
C CYS A 3 1.99 2.82 -1.39
N SER A 4 1.48 3.82 -0.69
CA SER A 4 2.28 4.57 0.29
C SER A 4 2.22 3.92 1.66
N ASP A 5 1.10 3.27 1.95
CA ASP A 5 0.90 2.59 3.22
C ASP A 5 1.45 1.17 3.16
N PRO A 6 2.24 0.76 4.15
CA PRO A 6 2.86 -0.57 4.21
C PRO A 6 1.85 -1.72 4.08
N ARG A 7 0.69 -1.60 4.72
CA ARG A 7 -0.31 -2.66 4.67
C ARG A 7 -1.14 -2.58 3.40
N SEC A 8 -1.23 -1.41 2.81
CA SEC A 8 -2.01 -1.26 1.59
C SEC A 8 -1.12 -1.57 0.39
N ALA A 9 0.18 -1.43 0.60
CA ALA A 9 1.18 -1.69 -0.43
C ALA A 9 1.11 -3.11 -0.96
N TRP A 10 0.71 -4.07 -0.12
CA TRP A 10 0.62 -5.45 -0.55
C TRP A 10 -0.40 -5.60 -1.67
N ARG A 11 -1.30 -4.62 -1.75
CA ARG A 11 -2.32 -4.59 -2.79
C ARG A 11 -1.93 -3.54 -3.83
N CYS A 12 -0.67 -3.53 -4.19
CA CYS A 12 -0.14 -2.59 -5.17
C CYS A 12 1.05 -3.19 -5.90
N GLY A 1 -3.19 6.87 -1.95
CA GLY A 1 -1.92 6.58 -1.33
C GLY A 1 -1.85 5.16 -0.81
N SEC A 2 -2.48 4.25 -1.53
CA SEC A 2 -2.50 2.84 -1.15
C SEC A 2 -1.10 2.25 -1.19
N CYS A 3 -0.37 2.60 -2.23
CA CYS A 3 1.00 2.12 -2.40
C CYS A 3 1.96 2.79 -1.42
N SER A 4 1.46 3.79 -0.70
CA SER A 4 2.27 4.52 0.26
C SER A 4 2.24 3.86 1.64
N ASP A 5 1.11 3.25 1.97
CA ASP A 5 0.96 2.59 3.26
C ASP A 5 1.44 1.15 3.16
N PRO A 6 2.30 0.72 4.09
CA PRO A 6 2.88 -0.64 4.10
C PRO A 6 1.84 -1.77 4.04
N ARG A 7 0.73 -1.60 4.74
CA ARG A 7 -0.31 -2.63 4.76
C ARG A 7 -1.19 -2.54 3.52
N SEC A 8 -1.20 -1.40 2.87
CA SEC A 8 -2.00 -1.22 1.68
C SEC A 8 -1.16 -1.59 0.46
N ALA A 9 0.15 -1.36 0.58
CA ALA A 9 1.11 -1.62 -0.48
C ALA A 9 1.07 -3.07 -0.98
N TRP A 10 0.67 -4.02 -0.12
CA TRP A 10 0.61 -5.41 -0.54
C TRP A 10 -0.44 -5.60 -1.64
N ARG A 11 -1.29 -4.59 -1.80
CA ARG A 11 -2.32 -4.58 -2.84
C ARG A 11 -1.92 -3.60 -3.94
N CYS A 12 -0.62 -3.49 -4.17
CA CYS A 12 -0.09 -2.58 -5.18
C CYS A 12 1.23 -3.12 -5.73
N GLY A 1 -3.12 6.84 -2.05
CA GLY A 1 -1.85 6.56 -1.41
C GLY A 1 -1.79 5.14 -0.88
N SEC A 2 -2.43 4.23 -1.57
CA SEC A 2 -2.46 2.83 -1.17
C SEC A 2 -1.06 2.23 -1.20
N CYS A 3 -0.31 2.56 -2.23
CA CYS A 3 1.06 2.07 -2.37
C CYS A 3 2.01 2.74 -1.39
N SER A 4 1.52 3.78 -0.73
CA SER A 4 2.32 4.52 0.25
C SER A 4 2.20 3.91 1.64
N ASP A 5 1.07 3.26 1.90
CA ASP A 5 0.84 2.63 3.20
C ASP A 5 1.41 1.21 3.21
N PRO A 6 2.17 0.86 4.24
CA PRO A 6 2.80 -0.46 4.38
C PRO A 6 1.86 -1.65 4.19
N ARG A 7 0.69 -1.61 4.82
CA ARG A 7 -0.26 -2.72 4.72
C ARG A 7 -1.10 -2.63 3.45
N SEC A 8 -1.18 -1.45 2.86
CA SEC A 8 -1.96 -1.28 1.66
C SEC A 8 -1.08 -1.59 0.44
N ALA A 9 0.22 -1.44 0.63
CA ALA A 9 1.21 -1.68 -0.41
C ALA A 9 1.14 -3.09 -0.99
N TRP A 10 0.73 -4.07 -0.16
CA TRP A 10 0.64 -5.44 -0.65
C TRP A 10 -0.41 -5.55 -1.76
N ARG A 11 -1.32 -4.58 -1.78
CA ARG A 11 -2.36 -4.53 -2.80
C ARG A 11 -1.97 -3.48 -3.85
N CYS A 12 -0.71 -3.50 -4.25
CA CYS A 12 -0.18 -2.56 -5.23
C CYS A 12 0.95 -3.20 -6.01
N GLY A 1 -3.16 6.89 -1.87
CA GLY A 1 -1.88 6.57 -1.26
C GLY A 1 -1.82 5.14 -0.77
N SEC A 2 -2.47 4.26 -1.50
CA SEC A 2 -2.50 2.84 -1.15
C SEC A 2 -1.10 2.25 -1.20
N CYS A 3 -0.37 2.58 -2.24
CA CYS A 3 1.00 2.09 -2.43
C CYS A 3 1.96 2.75 -1.43
N SER A 4 1.48 3.77 -0.73
CA SER A 4 2.29 4.49 0.23
C SER A 4 2.22 3.85 1.62
N ASP A 5 1.09 3.24 1.93
CA ASP A 5 0.92 2.59 3.23
C ASP A 5 1.42 1.15 3.17
N PRO A 6 2.25 0.75 4.13
CA PRO A 6 2.84 -0.61 4.18
C PRO A 6 1.82 -1.74 4.08
N ARG A 7 0.68 -1.60 4.74
CA ARG A 7 -0.34 -2.65 4.72
C ARG A 7 -1.18 -2.58 3.44
N SEC A 8 -1.23 -1.42 2.82
CA SEC A 8 -1.99 -1.26 1.61
C SEC A 8 -1.10 -1.58 0.41
N ALA A 9 0.22 -1.42 0.61
CA ALA A 9 1.22 -1.65 -0.42
C ALA A 9 1.15 -3.06 -0.99
N TRP A 10 0.77 -4.03 -0.16
CA TRP A 10 0.67 -5.42 -0.63
C TRP A 10 -0.42 -5.54 -1.70
N ARG A 11 -1.28 -4.53 -1.75
CA ARG A 11 -2.36 -4.48 -2.73
C ARG A 11 -1.97 -3.55 -3.88
N CYS A 12 -0.67 -3.44 -4.10
CA CYS A 12 -0.14 -2.57 -5.15
C CYS A 12 1.17 -3.13 -5.69
N GLY A 1 -1.82 6.45 -3.05
CA GLY A 1 -1.90 6.49 -1.60
C GLY A 1 -1.82 5.11 -0.98
N SEC A 2 -2.48 4.15 -1.64
CA SEC A 2 -2.49 2.77 -1.17
C SEC A 2 -1.08 2.19 -1.20
N CYS A 3 -0.34 2.53 -2.25
CA CYS A 3 1.02 2.05 -2.42
C CYS A 3 1.98 2.71 -1.42
N SER A 4 1.49 3.75 -0.75
CA SER A 4 2.29 4.48 0.23
C SER A 4 2.19 3.87 1.62
N ASP A 5 1.08 3.22 1.90
CA ASP A 5 0.87 2.59 3.21
C ASP A 5 1.44 1.19 3.20
N PRO A 6 2.24 0.84 4.23
CA PRO A 6 2.88 -0.47 4.37
C PRO A 6 1.94 -1.67 4.22
N ARG A 7 0.78 -1.62 4.86
CA ARG A 7 -0.17 -2.72 4.79
C ARG A 7 -1.09 -2.60 3.56
N SEC A 8 -1.12 -1.43 2.97
CA SEC A 8 -1.95 -1.23 1.79
C SEC A 8 -1.15 -1.58 0.54
N ALA A 9 0.16 -1.37 0.64
CA ALA A 9 1.10 -1.62 -0.45
C ALA A 9 1.02 -3.05 -0.99
N TRP A 10 0.61 -4.01 -0.18
CA TRP A 10 0.54 -5.39 -0.66
C TRP A 10 -0.51 -5.52 -1.77
N ARG A 11 -1.37 -4.51 -1.88
CA ARG A 11 -2.39 -4.48 -2.94
C ARG A 11 -1.94 -3.52 -4.04
N CYS A 12 -0.63 -3.47 -4.26
CA CYS A 12 -0.06 -2.58 -5.26
C CYS A 12 1.24 -3.17 -5.81
N GLY A 1 -2.93 6.94 -1.94
CA GLY A 1 -1.69 6.59 -1.28
C GLY A 1 -1.68 5.15 -0.80
N SEC A 2 -2.31 4.29 -1.59
CA SEC A 2 -2.39 2.87 -1.25
C SEC A 2 -0.99 2.24 -1.22
N CYS A 3 -0.19 2.57 -2.21
CA CYS A 3 1.16 2.04 -2.30
C CYS A 3 2.10 2.74 -1.31
N SER A 4 1.59 3.75 -0.63
CA SER A 4 2.37 4.50 0.35
C SER A 4 2.26 3.85 1.72
N ASP A 5 1.09 3.30 2.01
CA ASP A 5 0.84 2.63 3.29
C ASP A 5 1.26 1.16 3.15
N PRO A 6 2.22 0.72 3.97
CA PRO A 6 2.75 -0.66 3.94
C PRO A 6 1.69 -1.76 3.89
N ARG A 7 0.60 -1.59 4.63
CA ARG A 7 -0.47 -2.58 4.65
C ARG A 7 -1.29 -2.55 3.38
N SEC A 8 -1.34 -1.40 2.73
CA SEC A 8 -2.09 -1.27 1.50
C SEC A 8 -1.17 -1.60 0.32
N ALA A 9 0.12 -1.35 0.52
CA ALA A 9 1.15 -1.59 -0.47
C ALA A 9 1.22 -3.05 -0.91
N TRP A 10 0.87 -3.97 -0.02
CA TRP A 10 0.91 -5.39 -0.36
C TRP A 10 -0.09 -5.68 -1.48
N ARG A 11 -1.03 -4.75 -1.67
CA ARG A 11 -2.04 -4.86 -2.70
C ARG A 11 -1.84 -3.74 -3.74
N CYS A 12 -0.59 -3.35 -3.95
CA CYS A 12 -0.27 -2.29 -4.91
C CYS A 12 -0.03 -2.89 -6.29
N GLY A 1 -1.10 6.76 -3.96
CA GLY A 1 -0.93 7.22 -2.59
C GLY A 1 -1.19 6.11 -1.60
N SEC A 2 -2.12 5.23 -1.92
CA SEC A 2 -2.47 4.11 -1.04
C SEC A 2 -1.30 3.13 -0.98
N CYS A 3 -0.56 3.04 -2.08
CA CYS A 3 0.60 2.15 -2.16
C CYS A 3 1.72 2.60 -1.22
N SER A 4 1.56 3.77 -0.64
CA SER A 4 2.55 4.31 0.28
C SER A 4 2.26 3.80 1.70
N ASP A 5 1.10 3.20 1.87
CA ASP A 5 0.70 2.62 3.14
C ASP A 5 1.22 1.19 3.20
N PRO A 6 1.96 0.84 4.26
CA PRO A 6 2.58 -0.49 4.43
C PRO A 6 1.67 -1.69 4.12
N ARG A 7 0.46 -1.70 4.65
CA ARG A 7 -0.45 -2.81 4.43
C ARG A 7 -1.12 -2.74 3.06
N SEC A 8 -1.17 -1.55 2.49
CA SEC A 8 -1.80 -1.38 1.20
C SEC A 8 -0.78 -1.61 0.08
N ALA A 9 0.50 -1.63 0.46
CA ALA A 9 1.58 -1.85 -0.48
C ALA A 9 1.52 -3.25 -1.09
N TRP A 10 1.19 -4.25 -0.26
CA TRP A 10 1.09 -5.62 -0.75
C TRP A 10 -0.12 -5.73 -1.69
N ARG A 11 -1.10 -4.87 -1.47
CA ARG A 11 -2.29 -4.82 -2.31
C ARG A 11 -2.07 -3.75 -3.38
N CYS A 12 -0.88 -3.74 -3.94
CA CYS A 12 -0.51 -2.78 -4.97
C CYS A 12 0.53 -3.39 -5.91
N GLY A 1 -2.19 7.46 -0.01
CA GLY A 1 -1.92 6.57 -1.13
C GLY A 1 -1.85 5.12 -0.70
N SEC A 2 -2.48 4.25 -1.47
CA SEC A 2 -2.49 2.83 -1.16
C SEC A 2 -1.08 2.24 -1.21
N CYS A 3 -0.35 2.59 -2.25
CA CYS A 3 1.01 2.11 -2.42
C CYS A 3 1.97 2.79 -1.43
N SER A 4 1.47 3.79 -0.74
CA SER A 4 2.26 4.54 0.24
C SER A 4 2.17 3.89 1.63
N ASP A 5 1.05 3.24 1.90
CA ASP A 5 0.85 2.59 3.19
C ASP A 5 1.41 1.17 3.15
N PRO A 6 2.20 0.78 4.16
CA PRO A 6 2.83 -0.54 4.24
C PRO A 6 1.85 -1.71 4.11
N ARG A 7 0.67 -1.59 4.71
CA ARG A 7 -0.32 -2.66 4.64
C ARG A 7 -1.11 -2.61 3.35
N SEC A 8 -1.22 -1.43 2.76
CA SEC A 8 -1.95 -1.30 1.52
C SEC A 8 -1.01 -1.57 0.35
N ALA A 9 0.28 -1.54 0.64
CA ALA A 9 1.33 -1.78 -0.35
C ALA A 9 1.20 -3.16 -0.97
N TRP A 10 0.78 -4.15 -0.17
CA TRP A 10 0.63 -5.50 -0.68
C TRP A 10 -0.50 -5.55 -1.71
N ARG A 11 -1.32 -4.50 -1.71
CA ARG A 11 -2.41 -4.36 -2.66
C ARG A 11 -1.99 -3.44 -3.79
N CYS A 12 -0.69 -3.39 -4.05
CA CYS A 12 -0.14 -2.54 -5.09
C CYS A 12 1.14 -3.15 -5.66
N GLY A 1 -2.94 6.72 -2.63
CA GLY A 1 -1.71 6.47 -1.88
C GLY A 1 -1.68 5.09 -1.27
N SEC A 2 -2.24 4.13 -1.97
CA SEC A 2 -2.28 2.75 -1.49
C SEC A 2 -0.88 2.18 -1.38
N CYS A 3 -0.04 2.50 -2.36
CA CYS A 3 1.34 2.01 -2.38
C CYS A 3 2.18 2.73 -1.32
N SER A 4 1.61 3.76 -0.70
CA SER A 4 2.31 4.52 0.32
C SER A 4 2.11 3.90 1.70
N ASP A 5 1.00 3.20 1.88
CA ASP A 5 0.70 2.56 3.16
C ASP A 5 1.30 1.17 3.18
N PRO A 6 2.04 0.83 4.25
CA PRO A 6 2.69 -0.47 4.41
C PRO A 6 1.78 -1.68 4.20
N ARG A 7 0.58 -1.64 4.76
CA ARG A 7 -0.33 -2.76 4.63
C ARG A 7 -1.16 -2.67 3.34
N SEC A 8 -1.18 -1.50 2.74
CA SEC A 8 -1.94 -1.32 1.51
C SEC A 8 -1.05 -1.65 0.32
N ALA A 9 0.24 -1.40 0.48
CA ALA A 9 1.25 -1.65 -0.56
C ALA A 9 1.23 -3.09 -1.08
N TRP A 10 0.98 -4.06 -0.19
CA TRP A 10 0.96 -5.46 -0.60
C TRP A 10 -0.15 -5.71 -1.62
N ARG A 11 -1.11 -4.79 -1.68
CA ARG A 11 -2.22 -4.87 -2.61
C ARG A 11 -2.21 -3.63 -3.51
N CYS A 12 -1.00 -3.26 -3.93
CA CYS A 12 -0.82 -2.08 -4.77
C CYS A 12 0.39 -2.26 -5.67
N GLY A 1 -0.59 7.20 -2.12
CA GLY A 1 -1.89 6.69 -1.75
C GLY A 1 -1.81 5.30 -1.13
N SEC A 2 -2.51 4.36 -1.74
CA SEC A 2 -2.53 2.97 -1.26
C SEC A 2 -1.12 2.37 -1.24
N CYS A 3 -0.35 2.68 -2.27
CA CYS A 3 1.01 2.15 -2.38
C CYS A 3 1.96 2.81 -1.38
N SER A 4 1.47 3.83 -0.68
CA SER A 4 2.28 4.54 0.31
C SER A 4 2.17 3.89 1.68
N ASP A 5 1.06 3.22 1.94
CA ASP A 5 0.85 2.56 3.23
C ASP A 5 1.42 1.14 3.17
N PRO A 6 2.22 0.77 4.18
CA PRO A 6 2.87 -0.56 4.24
C PRO A 6 1.90 -1.73 4.11
N ARG A 7 0.72 -1.61 4.72
CA ARG A 7 -0.26 -2.69 4.66
C ARG A 7 -1.08 -2.62 3.38
N SEC A 8 -1.17 -1.44 2.79
CA SEC A 8 -1.94 -1.29 1.56
C SEC A 8 -1.04 -1.60 0.37
N ALA A 9 0.27 -1.50 0.62
CA ALA A 9 1.28 -1.76 -0.40
C ALA A 9 1.17 -3.18 -0.97
N TRP A 10 0.73 -4.13 -0.14
CA TRP A 10 0.59 -5.51 -0.60
C TRP A 10 -0.48 -5.60 -1.68
N ARG A 11 -1.33 -4.58 -1.73
CA ARG A 11 -2.40 -4.50 -2.73
C ARG A 11 -1.99 -3.50 -3.81
N CYS A 12 -0.69 -3.45 -4.09
CA CYS A 12 -0.15 -2.55 -5.10
C CYS A 12 1.11 -3.15 -5.72
N GLY A 1 -1.97 7.48 -0.73
CA GLY A 1 -1.58 6.53 -1.75
C GLY A 1 -1.55 5.11 -1.22
N SEC A 2 -2.09 4.18 -1.99
CA SEC A 2 -2.13 2.77 -1.60
C SEC A 2 -0.72 2.21 -1.45
N CYS A 3 0.15 2.56 -2.37
CA CYS A 3 1.53 2.09 -2.35
C CYS A 3 2.32 2.77 -1.24
N SER A 4 1.73 3.80 -0.63
CA SER A 4 2.39 4.54 0.44
C SER A 4 2.10 3.90 1.79
N ASP A 5 0.97 3.21 1.90
CA ASP A 5 0.59 2.56 3.14
C ASP A 5 1.19 1.16 3.18
N PRO A 6 1.89 0.83 4.28
CA PRO A 6 2.55 -0.47 4.45
C PRO A 6 1.65 -1.69 4.21
N ARG A 7 0.40 -1.64 4.69
CA ARG A 7 -0.50 -2.76 4.52
C ARG A 7 -1.25 -2.69 3.19
N SEC A 8 -1.28 -1.52 2.58
CA SEC A 8 -1.97 -1.37 1.31
C SEC A 8 -1.00 -1.68 0.17
N ALA A 9 0.27 -1.37 0.39
CA ALA A 9 1.32 -1.59 -0.60
C ALA A 9 1.40 -3.05 -1.06
N TRP A 10 1.19 -3.99 -0.14
CA TRP A 10 1.26 -5.41 -0.48
C TRP A 10 0.19 -5.78 -1.52
N ARG A 11 -0.81 -4.94 -1.64
CA ARG A 11 -1.89 -5.14 -2.58
C ARG A 11 -2.13 -3.84 -3.36
N CYS A 12 -1.05 -3.19 -3.73
CA CYS A 12 -1.14 -1.93 -4.47
C CYS A 12 -1.07 -2.19 -5.96
N GLY A 1 -3.04 6.58 -2.68
CA GLY A 1 -1.80 6.38 -1.95
C GLY A 1 -1.73 5.01 -1.31
N SEC A 2 -2.29 4.02 -1.99
CA SEC A 2 -2.29 2.65 -1.48
C SEC A 2 -0.87 2.11 -1.40
N CYS A 3 -0.05 2.44 -2.38
CA CYS A 3 1.33 2.00 -2.41
C CYS A 3 2.18 2.73 -1.36
N SER A 4 1.59 3.72 -0.72
CA SER A 4 2.28 4.51 0.29
C SER A 4 2.13 3.88 1.68
N ASP A 5 1.00 3.23 1.92
CA ASP A 5 0.74 2.59 3.20
C ASP A 5 1.29 1.16 3.20
N PRO A 6 2.06 0.81 4.24
CA PRO A 6 2.68 -0.52 4.37
C PRO A 6 1.71 -1.70 4.21
N ARG A 7 0.55 -1.62 4.84
CA ARG A 7 -0.41 -2.71 4.77
C ARG A 7 -1.28 -2.60 3.51
N SEC A 8 -1.10 -1.54 2.77
CA SEC A 8 -1.87 -1.33 1.55
C SEC A 8 -0.99 -1.66 0.34
N ALA A 9 0.31 -1.39 0.47
CA ALA A 9 1.29 -1.63 -0.58
C ALA A 9 1.25 -3.06 -1.12
N TRP A 10 1.01 -4.05 -0.26
CA TRP A 10 0.98 -5.43 -0.71
C TRP A 10 -0.19 -5.67 -1.68
N ARG A 11 -1.13 -4.73 -1.69
CA ARG A 11 -2.28 -4.78 -2.59
C ARG A 11 -2.22 -3.59 -3.54
N CYS A 12 -1.01 -3.20 -3.92
CA CYS A 12 -0.81 -2.06 -4.80
C CYS A 12 0.45 -2.25 -5.63
N GLY A 1 -3.00 6.73 -2.51
CA GLY A 1 -1.81 6.49 -1.73
C GLY A 1 -1.76 5.09 -1.16
N SEC A 2 -2.28 4.14 -1.92
CA SEC A 2 -2.31 2.75 -1.49
C SEC A 2 -0.89 2.19 -1.38
N CYS A 3 -0.06 2.52 -2.35
CA CYS A 3 1.34 2.06 -2.36
C CYS A 3 2.17 2.82 -1.32
N SER A 4 1.55 3.79 -0.65
CA SER A 4 2.24 4.58 0.35
C SER A 4 2.13 3.92 1.72
N ASP A 5 1.02 3.24 1.95
CA ASP A 5 0.79 2.55 3.21
C ASP A 5 1.36 1.14 3.14
N PRO A 6 2.13 0.72 4.15
CA PRO A 6 2.76 -0.60 4.19
C PRO A 6 1.77 -1.76 4.04
N ARG A 7 0.60 -1.64 4.65
CA ARG A 7 -0.40 -2.70 4.58
C ARG A 7 -1.20 -2.64 3.28
N SEC A 8 -1.26 -1.47 2.68
CA SEC A 8 -2.00 -1.32 1.43
C SEC A 8 -1.08 -1.64 0.26
N ALA A 9 0.21 -1.38 0.46
CA ALA A 9 1.23 -1.64 -0.56
C ALA A 9 1.23 -3.08 -1.04
N TRP A 10 0.94 -4.03 -0.13
CA TRP A 10 0.93 -5.44 -0.50
C TRP A 10 -0.16 -5.71 -1.54
N ARG A 11 -1.12 -4.80 -1.62
CA ARG A 11 -2.20 -4.90 -2.58
C ARG A 11 -2.17 -3.68 -3.49
N CYS A 12 -0.96 -3.27 -3.87
CA CYS A 12 -0.76 -2.12 -4.71
C CYS A 12 0.50 -2.27 -5.55
N GLY A 1 -1.25 6.53 -3.22
CA GLY A 1 -1.56 6.52 -1.81
C GLY A 1 -1.55 5.11 -1.24
N SEC A 2 -2.08 4.17 -2.01
CA SEC A 2 -2.13 2.78 -1.60
C SEC A 2 -0.73 2.21 -1.45
N CYS A 3 0.15 2.57 -2.36
CA CYS A 3 1.53 2.12 -2.34
C CYS A 3 2.32 2.81 -1.22
N SER A 4 1.72 3.82 -0.62
CA SER A 4 2.37 4.57 0.46
C SER A 4 2.10 3.92 1.81
N ASP A 5 0.97 3.22 1.92
CA ASP A 5 0.60 2.55 3.14
C ASP A 5 1.20 1.14 3.16
N PRO A 6 1.91 0.80 4.24
CA PRO A 6 2.57 -0.52 4.38
C PRO A 6 1.64 -1.71 4.14
N ARG A 7 0.43 -1.65 4.67
CA ARG A 7 -0.51 -2.76 4.51
C ARG A 7 -1.26 -2.69 3.19
N SEC A 8 -1.31 -1.52 2.58
CA SEC A 8 -1.99 -1.37 1.30
C SEC A 8 -1.03 -1.68 0.17
N ALA A 9 0.25 -1.37 0.39
CA ALA A 9 1.30 -1.57 -0.60
C ALA A 9 1.39 -3.03 -1.07
N TRP A 10 1.19 -3.98 -0.14
CA TRP A 10 1.27 -5.39 -0.50
C TRP A 10 0.20 -5.76 -1.51
N ARG A 11 -0.83 -4.94 -1.60
CA ARG A 11 -1.93 -5.14 -2.52
C ARG A 11 -2.15 -3.86 -3.33
N CYS A 12 -1.06 -3.21 -3.70
CA CYS A 12 -1.11 -1.97 -4.46
C CYS A 12 -0.97 -2.24 -5.96
N GLY A 1 -2.85 7.08 -1.84
CA GLY A 1 -1.61 6.70 -1.19
C GLY A 1 -1.63 5.25 -0.74
N SEC A 2 -2.27 4.41 -1.52
CA SEC A 2 -2.37 2.99 -1.22
C SEC A 2 -0.99 2.34 -1.18
N CYS A 3 -0.20 2.63 -2.20
CA CYS A 3 1.15 2.07 -2.29
C CYS A 3 2.11 2.74 -1.31
N SER A 4 1.62 3.77 -0.63
CA SER A 4 2.42 4.49 0.35
C SER A 4 2.28 3.84 1.72
N ASP A 5 1.10 3.29 1.99
CA ASP A 5 0.83 2.62 3.26
C ASP A 5 1.24 1.16 3.13
N PRO A 6 2.19 0.70 3.97
CA PRO A 6 2.72 -0.67 3.94
C PRO A 6 1.64 -1.77 3.88
N ARG A 7 0.54 -1.59 4.59
CA ARG A 7 -0.52 -2.58 4.61
C ARG A 7 -1.32 -2.57 3.30
N SEC A 8 -1.38 -1.42 2.65
CA SEC A 8 -2.10 -1.32 1.40
C SEC A 8 -1.15 -1.63 0.25
N ALA A 9 0.13 -1.36 0.48
CA ALA A 9 1.18 -1.58 -0.50
C ALA A 9 1.28 -3.05 -0.93
N TRP A 10 0.95 -3.96 -0.02
CA TRP A 10 1.01 -5.39 -0.35
C TRP A 10 -0.01 -5.70 -1.45
N ARG A 11 -0.97 -4.81 -1.63
CA ARG A 11 -2.00 -4.96 -2.64
C ARG A 11 -1.88 -3.83 -3.67
N CYS A 12 -0.65 -3.37 -3.88
CA CYS A 12 -0.39 -2.29 -4.83
C CYS A 12 -0.12 -2.85 -6.22
N GLY A 1 -2.77 7.03 -2.30
CA GLY A 1 -1.57 6.71 -1.56
C GLY A 1 -1.59 5.28 -1.05
N SEC A 2 -2.13 4.38 -1.86
CA SEC A 2 -2.22 2.98 -1.50
C SEC A 2 -0.83 2.36 -1.38
N CYS A 3 0.04 2.69 -2.33
CA CYS A 3 1.39 2.17 -2.34
C CYS A 3 2.24 2.86 -1.26
N SER A 4 1.67 3.84 -0.59
CA SER A 4 2.38 4.57 0.45
C SER A 4 2.21 3.88 1.80
N ASP A 5 1.06 3.27 2.02
CA ASP A 5 0.80 2.56 3.26
C ASP A 5 1.27 1.13 3.12
N PRO A 6 2.10 0.67 4.08
CA PRO A 6 2.66 -0.70 4.08
C PRO A 6 1.61 -1.81 3.97
N ARG A 7 0.45 -1.61 4.57
CA ARG A 7 -0.60 -2.62 4.53
C ARG A 7 -1.37 -2.57 3.21
N SEC A 8 -1.36 -1.42 2.57
CA SEC A 8 -2.07 -1.28 1.30
C SEC A 8 -1.12 -1.66 0.16
N ALA A 9 0.16 -1.34 0.36
CA ALA A 9 1.21 -1.63 -0.61
C ALA A 9 1.33 -3.11 -0.92
N TRP A 10 1.02 -3.98 0.04
CA TRP A 10 1.14 -5.42 -0.16
C TRP A 10 0.26 -5.91 -1.33
N ARG A 11 -0.71 -5.08 -1.72
CA ARG A 11 -1.59 -5.39 -2.84
C ARG A 11 -1.95 -4.12 -3.58
N CYS A 12 -0.96 -3.25 -3.74
CA CYS A 12 -1.14 -1.98 -4.43
C CYS A 12 -0.88 -2.15 -5.92
N GLY A 1 -1.70 6.96 -2.54
CA GLY A 1 -1.72 6.96 -1.09
C GLY A 1 -1.74 5.55 -0.53
N SEC A 2 -2.51 4.68 -1.18
CA SEC A 2 -2.63 3.29 -0.75
C SEC A 2 -1.30 2.57 -0.90
N CYS A 3 -0.63 2.80 -2.01
CA CYS A 3 0.66 2.16 -2.29
C CYS A 3 1.77 2.80 -1.44
N SER A 4 1.42 3.83 -0.70
CA SER A 4 2.38 4.52 0.15
C SER A 4 2.45 3.85 1.51
N ASP A 5 1.32 3.27 1.95
CA ASP A 5 1.27 2.59 3.24
C ASP A 5 1.66 1.14 3.06
N PRO A 6 2.60 0.65 3.90
CA PRO A 6 3.09 -0.73 3.83
C PRO A 6 2.01 -1.80 3.89
N ARG A 7 0.96 -1.56 4.68
CA ARG A 7 -0.11 -2.54 4.79
C ARG A 7 -1.15 -2.38 3.69
N SEC A 8 -1.21 -1.21 3.08
CA SEC A 8 -2.18 -0.99 2.02
C SEC A 8 -1.60 -1.42 0.68
N ALA A 9 -0.30 -1.24 0.53
CA ALA A 9 0.40 -1.61 -0.69
C ALA A 9 0.59 -3.12 -0.82
N TRP A 10 -0.18 -3.91 -0.05
CA TRP A 10 -0.07 -5.36 -0.11
C TRP A 10 -0.53 -5.90 -1.46
N ARG A 11 -1.20 -5.05 -2.23
CA ARG A 11 -1.68 -5.40 -3.54
C ARG A 11 -1.34 -4.30 -4.53
N CYS A 12 -0.12 -3.78 -4.43
CA CYS A 12 0.34 -2.72 -5.32
C CYS A 12 1.85 -2.81 -5.51
N GLY A 1 -2.91 7.15 -1.81
CA GLY A 1 -1.64 6.79 -1.21
C GLY A 1 -1.65 5.36 -0.70
N SEC A 2 -2.34 4.50 -1.41
CA SEC A 2 -2.44 3.09 -1.05
C SEC A 2 -1.08 2.41 -1.08
N CYS A 3 -0.33 2.67 -2.13
CA CYS A 3 1.00 2.10 -2.29
C CYS A 3 1.99 2.72 -1.32
N SER A 4 1.58 3.80 -0.66
CA SER A 4 2.42 4.49 0.30
C SER A 4 2.24 3.87 1.69
N ASP A 5 1.11 3.21 1.88
CA ASP A 5 0.78 2.55 3.14
C ASP A 5 1.35 1.14 3.12
N PRO A 6 2.21 0.81 4.09
CA PRO A 6 2.85 -0.51 4.19
C PRO A 6 1.87 -1.68 4.10
N ARG A 7 0.68 -1.53 4.69
CA ARG A 7 -0.29 -2.60 4.67
C ARG A 7 -1.17 -2.56 3.41
N SEC A 8 -1.27 -1.41 2.77
CA SEC A 8 -2.08 -1.31 1.56
C SEC A 8 -1.20 -1.63 0.34
N ALA A 9 0.10 -1.39 0.50
CA ALA A 9 1.08 -1.61 -0.54
C ALA A 9 1.11 -3.06 -1.03
N TRP A 10 0.76 -4.01 -0.16
CA TRP A 10 0.77 -5.42 -0.55
C TRP A 10 -0.27 -5.65 -1.65
N ARG A 11 -1.22 -4.73 -1.75
CA ARG A 11 -2.25 -4.79 -2.77
C ARG A 11 -1.97 -3.74 -3.84
N CYS A 12 -0.69 -3.59 -4.16
CA CYS A 12 -0.24 -2.62 -5.16
C CYS A 12 1.02 -3.13 -5.85
N GLY A 1 -2.33 7.63 -3.20
CA GLY A 1 -1.06 7.18 -2.65
C GLY A 1 -1.24 6.08 -1.63
N SEC A 2 -2.22 5.21 -1.88
CA SEC A 2 -2.52 4.10 -0.99
C SEC A 2 -1.37 3.10 -1.00
N CYS A 3 -0.68 3.02 -2.13
CA CYS A 3 0.45 2.10 -2.30
C CYS A 3 1.62 2.49 -1.40
N SER A 4 1.51 3.66 -0.77
CA SER A 4 2.56 4.15 0.13
C SER A 4 2.34 3.65 1.54
N ASP A 5 1.19 3.02 1.78
CA ASP A 5 0.86 2.48 3.09
C ASP A 5 1.39 1.06 3.20
N PRO A 6 2.06 0.74 4.32
CA PRO A 6 2.65 -0.59 4.56
C PRO A 6 1.70 -1.77 4.30
N ARG A 7 0.45 -1.66 4.74
CA ARG A 7 -0.50 -2.75 4.56
C ARG A 7 -1.21 -2.67 3.21
N SEC A 8 -1.22 -1.50 2.61
CA SEC A 8 -1.88 -1.34 1.32
C SEC A 8 -0.90 -1.62 0.18
N ALA A 9 0.39 -1.48 0.48
CA ALA A 9 1.46 -1.70 -0.48
C ALA A 9 1.42 -3.11 -1.06
N TRP A 10 1.16 -4.12 -0.22
CA TRP A 10 1.11 -5.49 -0.69
C TRP A 10 -0.08 -5.70 -1.64
N ARG A 11 -1.03 -4.77 -1.57
CA ARG A 11 -2.21 -4.83 -2.43
C ARG A 11 -2.03 -3.85 -3.59
N CYS A 12 -0.78 -3.63 -3.98
CA CYS A 12 -0.46 -2.72 -5.06
C CYS A 12 0.83 -3.15 -5.76
N GLY A 1 -1.78 6.57 -2.91
CA GLY A 1 -1.89 6.56 -1.47
C GLY A 1 -1.82 5.15 -0.92
N SEC A 2 -2.46 4.22 -1.61
CA SEC A 2 -2.47 2.83 -1.21
C SEC A 2 -1.07 2.24 -1.23
N CYS A 3 -0.33 2.56 -2.27
CA CYS A 3 1.04 2.08 -2.42
C CYS A 3 1.99 2.75 -1.41
N SER A 4 1.50 3.80 -0.77
CA SER A 4 2.29 4.53 0.21
C SER A 4 2.13 3.95 1.60
N ASP A 5 1.04 3.21 1.82
CA ASP A 5 0.77 2.60 3.11
C ASP A 5 1.43 1.23 3.20
N PRO A 6 2.08 0.92 4.33
CA PRO A 6 2.78 -0.36 4.54
C PRO A 6 1.90 -1.60 4.31
N ARG A 7 0.68 -1.60 4.83
CA ARG A 7 -0.19 -2.75 4.68
C ARG A 7 -1.01 -2.68 3.40
N SEC A 8 -1.14 -1.49 2.82
CA SEC A 8 -1.88 -1.36 1.58
C SEC A 8 -0.95 -1.62 0.40
N ALA A 9 0.35 -1.61 0.69
CA ALA A 9 1.38 -1.84 -0.32
C ALA A 9 1.21 -3.21 -0.99
N TRP A 10 0.75 -4.21 -0.23
CA TRP A 10 0.55 -5.54 -0.79
C TRP A 10 -0.55 -5.52 -1.84
N ARG A 11 -1.39 -4.48 -1.78
CA ARG A 11 -2.48 -4.29 -2.72
C ARG A 11 -2.02 -3.34 -3.82
N CYS A 12 -0.74 -3.37 -4.13
CA CYS A 12 -0.15 -2.51 -5.15
C CYS A 12 1.05 -3.18 -5.79
#